data_6XS7
#
_entry.id   6XS7
#
_cell.length_a   38.060
_cell.length_b   144.010
_cell.length_c   43.020
_cell.angle_alpha   90.000
_cell.angle_beta   90.000
_cell.angle_gamma   90.000
#
_symmetry.space_group_name_H-M   'P 21 21 2'
#
loop_
_entity.id
_entity.type
_entity.pdbx_description
1 polymer 'Vacuolar protein sorting-associated protein 29'
2 polymer 48V-DTY-THR-THR-ILE-TYR-TRP-THR-PRO-LEU-GLY-THR-PHE-PRO-ARG-ILE-ARG
3 non-polymer GLYCEROL
4 non-polymer 'FORMIC ACID'
5 water water
#
loop_
_entity_poly.entity_id
_entity_poly.type
_entity_poly.pdbx_seq_one_letter_code
_entity_poly.pdbx_strand_id
1 'polypeptide(L)'
;GSPEFGTRDRMLVLVLGDLHIPHRCNSLPAKFKKLLVPGKIQHILCTGNLCTKESYDYLKTLAGDVHIVRGDFDENLNYP
EQKVVTVGQFKIGLIHGHQVIPWGDMASLALLQRQFDVDILISGHTHKFEAFEHENKFYINPGSATGAYNALETNIIPSF
VLMDIQASTVVTYVYQLIGDDVKVERIEYKKP
;
A
2 'polypeptide(L)' (48V)(DTY)TTIYWTPLGTFPRIR B
#
loop_
_chem_comp.id
_chem_comp.type
_chem_comp.name
_chem_comp.formula
48V peptide-like '{[(2R)-2,3-diamino-3-oxopropyl]sulfanyl}acetic acid' 'C5 H10 N2 O3 S'
FMT non-polymer 'FORMIC ACID' 'C H2 O2'
GOL non-polymer GLYCEROL 'C3 H8 O3'
#
# COMPACT_ATOMS: atom_id res chain seq x y z
N ASP A 9 -12.76 16.72 8.86
CA ASP A 9 -11.33 16.70 8.54
C ASP A 9 -10.84 15.26 8.36
N ARG A 10 -9.99 15.06 7.36
CA ARG A 10 -9.54 13.73 6.99
C ARG A 10 -8.03 13.70 6.80
N MET A 11 -7.49 12.50 6.85
CA MET A 11 -6.10 12.23 6.49
CA MET A 11 -6.10 12.23 6.49
C MET A 11 -6.11 11.24 5.32
N LEU A 12 -5.42 11.59 4.24
CA LEU A 12 -5.24 10.66 3.13
C LEU A 12 -3.84 10.06 3.23
N VAL A 13 -3.76 8.73 3.15
CA VAL A 13 -2.51 8.00 3.31
C VAL A 13 -2.35 7.09 2.10
N LEU A 14 -1.32 7.33 1.30
CA LEU A 14 -0.99 6.47 0.16
C LEU A 14 -0.16 5.29 0.66
N VAL A 15 -0.51 4.08 0.22
CA VAL A 15 0.16 2.86 0.64
C VAL A 15 0.57 2.12 -0.64
N LEU A 16 1.87 1.88 -0.80
CA LEU A 16 2.32 1.24 -2.04
C LEU A 16 3.67 0.61 -1.78
N GLY A 17 4.13 -0.19 -2.74
CA GLY A 17 5.46 -0.74 -2.64
C GLY A 17 5.73 -1.75 -3.74
N ASP A 18 6.87 -2.42 -3.59
CA ASP A 18 7.33 -3.43 -4.55
C ASP A 18 7.28 -2.90 -5.98
N LEU A 19 7.84 -1.71 -6.16
CA LEU A 19 7.94 -1.11 -7.49
C LEU A 19 8.99 -1.81 -8.34
N HIS A 20 10.14 -2.16 -7.75
CA HIS A 20 11.21 -2.89 -8.44
C HIS A 20 11.69 -2.15 -9.68
N ILE A 21 11.84 -0.83 -9.56
CA ILE A 21 12.47 0.00 -10.58
C ILE A 21 13.92 0.15 -10.13
N PRO A 22 14.89 -0.08 -11.02
CA PRO A 22 14.82 -0.28 -12.46
C PRO A 22 14.90 -1.73 -12.96
N HIS A 23 15.07 -2.70 -12.07
CA HIS A 23 15.39 -4.04 -12.59
C HIS A 23 14.19 -4.71 -13.24
N ARG A 24 13.03 -4.70 -12.59
CA ARG A 24 11.90 -5.44 -13.12
C ARG A 24 10.94 -4.58 -13.91
N CYS A 25 10.93 -3.28 -13.65
CA CYS A 25 9.98 -2.36 -14.23
C CYS A 25 10.70 -1.07 -14.56
N ASN A 26 10.02 -0.21 -15.32
CA ASN A 26 10.59 1.05 -15.76
C ASN A 26 9.96 2.27 -15.12
N SER A 27 8.69 2.19 -14.74
CA SER A 27 7.97 3.34 -14.21
CA SER A 27 7.98 3.34 -14.21
C SER A 27 6.63 2.87 -13.68
N LEU A 28 6.01 3.73 -12.87
CA LEU A 28 4.63 3.54 -12.52
C LEU A 28 3.78 3.64 -13.79
N PRO A 29 2.63 2.95 -13.84
CA PRO A 29 1.71 3.15 -14.96
C PRO A 29 1.33 4.62 -15.11
N ALA A 30 1.25 5.07 -16.37
CA ALA A 30 0.94 6.47 -16.64
C ALA A 30 -0.39 6.88 -16.02
N LYS A 31 -1.39 5.98 -16.05
CA LYS A 31 -2.68 6.33 -15.46
C LYS A 31 -2.60 6.45 -13.95
N PHE A 32 -1.71 5.69 -13.30
CA PHE A 32 -1.50 5.87 -11.86
C PHE A 32 -0.84 7.22 -11.56
N LYS A 33 0.19 7.58 -12.32
CA LYS A 33 0.90 8.83 -12.07
C LYS A 33 -0.02 10.03 -12.21
N LYS A 34 -0.96 9.97 -13.16
CA LYS A 34 -1.92 11.04 -13.35
C LYS A 34 -2.85 11.20 -12.15
N LEU A 35 -3.15 10.11 -11.45
CA LEU A 35 -4.00 10.18 -10.26
C LEU A 35 -3.28 10.78 -9.06
N LEU A 36 -1.96 10.58 -8.95
CA LEU A 36 -1.21 10.97 -7.77
C LEU A 36 -0.75 12.43 -7.89
N VAL A 37 -1.69 13.32 -7.72
CA VAL A 37 -1.40 14.75 -7.85
C VAL A 37 -0.69 15.22 -6.59
N PRO A 38 0.39 15.99 -6.71
CA PRO A 38 1.03 16.54 -5.51
C PRO A 38 0.07 17.40 -4.71
N GLY A 39 0.27 17.45 -3.40
CA GLY A 39 -0.52 18.27 -2.51
C GLY A 39 -1.76 17.60 -1.94
N LYS A 40 -2.28 16.57 -2.60
CA LYS A 40 -3.54 15.97 -2.17
C LYS A 40 -3.33 15.03 -0.98
N ILE A 41 -2.26 14.27 -0.99
CA ILE A 41 -2.03 13.19 -0.04
C ILE A 41 -1.15 13.69 1.10
N GLN A 42 -1.50 13.32 2.34
CA GLN A 42 -0.79 13.80 3.52
C GLN A 42 0.37 12.90 3.92
N HIS A 43 0.22 11.58 3.82
CA HIS A 43 1.25 10.65 4.26
C HIS A 43 1.42 9.57 3.21
N ILE A 44 2.64 9.05 3.11
CA ILE A 44 2.93 7.89 2.26
C ILE A 44 3.56 6.82 3.13
N LEU A 45 3.02 5.61 3.04
CA LEU A 45 3.60 4.44 3.71
C LEU A 45 4.01 3.46 2.63
N CYS A 46 5.31 3.19 2.54
CA CYS A 46 5.84 2.36 1.47
C CYS A 46 6.42 1.08 2.05
N THR A 47 6.00 -0.08 1.49
CA THR A 47 6.48 -1.35 1.98
C THR A 47 7.90 -1.68 1.55
N GLY A 48 8.50 -0.90 0.67
CA GLY A 48 9.87 -1.12 0.26
C GLY A 48 9.99 -1.71 -1.14
N ASN A 49 11.23 -2.09 -1.46
CA ASN A 49 11.61 -2.51 -2.81
C ASN A 49 11.28 -1.44 -3.85
N LEU A 50 11.90 -0.27 -3.68
CA LEU A 50 11.72 0.84 -4.60
C LEU A 50 12.26 0.62 -6.04
N CYS A 51 13.52 0.26 -6.27
CA CYS A 51 14.53 -0.12 -5.28
C CYS A 51 15.65 0.90 -5.17
N THR A 52 15.50 2.08 -5.77
CA THR A 52 16.56 3.07 -5.78
C THR A 52 16.04 4.46 -5.41
N LYS A 53 17.00 5.37 -5.21
CA LYS A 53 16.67 6.74 -4.79
C LYS A 53 15.75 7.45 -5.79
N GLU A 54 15.79 7.08 -7.06
CA GLU A 54 14.94 7.75 -8.05
C GLU A 54 13.47 7.65 -7.66
N SER A 55 13.03 6.48 -7.20
CA SER A 55 11.63 6.29 -6.81
C SER A 55 11.34 6.97 -5.48
N TYR A 56 12.31 6.98 -4.57
CA TYR A 56 12.13 7.73 -3.33
C TYR A 56 11.90 9.21 -3.62
N ASP A 57 12.71 9.77 -4.51
CA ASP A 57 12.58 11.18 -4.88
C ASP A 57 11.19 11.47 -5.42
N TYR A 58 10.66 10.58 -6.26
CA TYR A 58 9.31 10.77 -6.77
C TYR A 58 8.28 10.77 -5.65
N LEU A 59 8.41 9.85 -4.69
CA LEU A 59 7.46 9.81 -3.59
C LEU A 59 7.50 11.11 -2.79
N LYS A 60 8.69 11.67 -2.59
CA LYS A 60 8.81 12.91 -1.83
C LYS A 60 8.14 14.08 -2.51
N THR A 61 7.93 14.02 -3.84
CA THR A 61 7.18 15.11 -4.47
C THR A 61 5.69 15.06 -4.15
N LEU A 62 5.18 13.92 -3.70
CA LEU A 62 3.75 13.74 -3.56
C LEU A 62 3.22 14.14 -2.20
N ALA A 63 4.04 14.01 -1.15
CA ALA A 63 3.55 14.23 0.19
C ALA A 63 4.68 14.76 1.06
N GLY A 64 4.31 15.45 2.12
CA GLY A 64 5.30 15.98 3.03
C GLY A 64 5.91 14.97 3.98
N ASP A 65 5.28 13.79 4.10
CA ASP A 65 5.64 12.79 5.11
C ASP A 65 5.72 11.44 4.42
N VAL A 66 6.93 10.91 4.28
CA VAL A 66 7.17 9.66 3.55
C VAL A 66 7.84 8.67 4.50
N HIS A 67 7.24 7.50 4.66
CA HIS A 67 7.74 6.45 5.54
C HIS A 67 8.00 5.21 4.72
N ILE A 68 9.20 4.77 4.74
CA ILE A 68 9.56 3.55 3.99
CA ILE A 68 9.66 3.54 3.96
C ILE A 68 10.41 2.46 4.86
N VAL A 69 10.00 1.22 4.69
CA VAL A 69 10.74 0.15 5.33
C VAL A 69 11.55 -0.60 4.28
N ARG A 70 12.58 -1.23 4.78
CA ARG A 70 13.52 -1.92 3.91
CA ARG A 70 13.53 -1.96 3.87
C ARG A 70 13.05 -3.34 3.26
N GLY A 71 12.99 -3.31 1.93
CA GLY A 71 12.73 -4.55 1.22
C GLY A 71 14.00 -5.31 0.95
N ASP A 72 13.83 -6.55 0.45
CA ASP A 72 14.98 -7.42 0.26
C ASP A 72 15.83 -7.04 -0.94
N PHE A 73 15.33 -6.17 -1.82
CA PHE A 73 16.07 -5.69 -2.97
C PHE A 73 16.38 -4.21 -2.94
N ASP A 74 16.07 -3.50 -1.86
CA ASP A 74 16.37 -2.08 -1.79
C ASP A 74 17.87 -1.83 -1.77
N GLU A 75 18.29 -0.83 -2.54
CA GLU A 75 19.70 -0.44 -2.55
C GLU A 75 20.06 0.44 -1.37
N ASN A 76 19.08 1.08 -0.74
CA ASN A 76 19.29 1.88 0.46
C ASN A 76 19.19 0.96 1.67
N LEU A 77 20.33 0.59 2.23
CA LEU A 77 20.34 -0.35 3.34
C LEU A 77 20.01 0.32 4.66
N ASN A 78 19.82 1.65 4.68
CA ASN A 78 19.58 2.37 5.92
C ASN A 78 18.10 2.43 6.30
N TYR A 79 17.18 2.09 5.39
CA TYR A 79 15.77 2.05 5.75
C TYR A 79 15.55 1.11 6.92
N PRO A 80 14.65 1.45 7.85
CA PRO A 80 14.36 0.54 8.96
C PRO A 80 13.63 -0.70 8.49
N GLU A 81 13.85 -1.80 9.20
CA GLU A 81 13.18 -3.05 8.86
C GLU A 81 11.69 -3.00 9.15
N GLN A 82 11.32 -2.30 10.21
CA GLN A 82 9.90 -2.07 10.38
C GLN A 82 9.70 -0.71 11.04
N LYS A 83 8.44 -0.27 11.02
CA LYS A 83 8.09 1.07 11.45
C LYS A 83 6.67 1.05 12.00
N VAL A 84 6.42 1.91 12.98
CA VAL A 84 5.07 2.13 13.49
C VAL A 84 4.79 3.62 13.38
N VAL A 85 3.70 3.96 12.69
CA VAL A 85 3.32 5.34 12.44
CA VAL A 85 3.33 5.35 12.46
C VAL A 85 1.91 5.57 12.96
N THR A 86 1.71 6.68 13.66
CA THR A 86 0.38 7.04 14.15
C THR A 86 -0.20 8.13 13.25
N VAL A 87 -1.42 7.91 12.76
CA VAL A 87 -2.15 8.88 11.95
C VAL A 87 -3.53 9.03 12.55
N GLY A 88 -3.82 10.21 13.09
CA GLY A 88 -5.08 10.38 13.81
C GLY A 88 -5.20 9.37 14.94
N GLN A 89 -6.34 8.67 14.98
CA GLN A 89 -6.60 7.70 16.03
C GLN A 89 -6.01 6.32 15.74
N PHE A 90 -5.25 6.17 14.67
CA PHE A 90 -4.81 4.85 14.21
C PHE A 90 -3.30 4.69 14.35
N LYS A 91 -2.89 3.61 15.00
CA LYS A 91 -1.49 3.15 14.96
C LYS A 91 -1.35 2.15 13.83
N ILE A 92 -0.35 2.35 12.98
CA ILE A 92 -0.18 1.56 11.76
C ILE A 92 1.21 0.95 11.77
N GLY A 93 1.28 -0.37 11.60
CA GLY A 93 2.55 -1.06 11.52
C GLY A 93 2.91 -1.31 10.06
N LEU A 94 4.21 -1.33 9.80
CA LEU A 94 4.70 -1.43 8.42
C LEU A 94 5.92 -2.32 8.39
N ILE A 95 5.90 -3.34 7.53
CA ILE A 95 7.03 -4.24 7.33
C ILE A 95 6.96 -4.73 5.89
N HIS A 96 8.12 -5.02 5.29
CA HIS A 96 8.07 -5.43 3.89
C HIS A 96 7.47 -6.83 3.73
N GLY A 97 7.89 -7.78 4.57
CA GLY A 97 7.20 -9.07 4.62
C GLY A 97 8.00 -10.24 4.09
N HIS A 98 9.16 -10.01 3.47
CA HIS A 98 9.97 -11.17 3.06
C HIS A 98 10.45 -11.97 4.26
N GLN A 99 10.38 -11.38 5.46
CA GLN A 99 10.84 -12.03 6.68
C GLN A 99 9.88 -13.10 7.17
N VAL A 100 8.65 -13.11 6.69
CA VAL A 100 7.59 -13.99 7.18
C VAL A 100 7.52 -15.20 6.26
N ILE A 101 7.71 -16.38 6.81
CA ILE A 101 7.65 -17.64 6.08
C ILE A 101 6.63 -18.55 6.77
N PRO A 102 5.68 -19.09 6.02
CA PRO A 102 5.41 -18.89 4.61
C PRO A 102 4.99 -17.45 4.30
N TRP A 103 5.21 -16.98 3.09
CA TRP A 103 4.85 -15.61 2.78
CA TRP A 103 4.83 -15.62 2.72
C TRP A 103 3.37 -15.36 3.03
N GLY A 104 3.08 -14.21 3.64
CA GLY A 104 1.73 -13.81 3.92
C GLY A 104 1.03 -14.59 5.01
N ASP A 105 1.76 -15.38 5.80
CA ASP A 105 1.16 -16.28 6.78
C ASP A 105 0.30 -15.51 7.78
N MET A 106 -0.99 -15.86 7.86
CA MET A 106 -1.92 -15.09 8.69
C MET A 106 -1.51 -15.12 10.17
N ALA A 107 -1.13 -16.29 10.69
CA ALA A 107 -0.79 -16.37 12.11
C ALA A 107 0.42 -15.49 12.43
N SER A 108 1.39 -15.44 11.52
CA SER A 108 2.57 -14.60 11.75
C SER A 108 2.20 -13.13 11.69
N LEU A 109 1.37 -12.73 10.74
CA LEU A 109 0.96 -11.33 10.66
C LEU A 109 0.14 -10.93 11.89
N ALA A 110 -0.70 -11.83 12.40
CA ALA A 110 -1.47 -11.51 13.59
C ALA A 110 -0.58 -11.38 14.81
N LEU A 111 0.49 -12.17 14.89
CA LEU A 111 1.45 -12.01 15.98
C LEU A 111 2.16 -10.67 15.87
N LEU A 112 2.53 -10.28 14.65
CA LEU A 112 3.15 -8.97 14.44
C LEU A 112 2.20 -7.84 14.82
N GLN A 113 0.91 -7.97 14.50
CA GLN A 113 -0.06 -6.97 14.91
C GLN A 113 -0.01 -6.76 16.41
N ARG A 114 0.01 -7.85 17.18
CA ARG A 114 0.02 -7.72 18.64
C ARG A 114 1.35 -7.14 19.13
N GLN A 115 2.46 -7.57 18.53
CA GLN A 115 3.78 -7.16 19.02
C GLN A 115 4.08 -5.71 18.69
N PHE A 116 3.66 -5.25 17.50
CA PHE A 116 3.72 -3.83 17.17
C PHE A 116 2.69 -3.02 17.92
N ASP A 117 1.61 -3.66 18.36
CA ASP A 117 0.49 -3.01 19.06
C ASP A 117 -0.19 -1.98 18.17
N VAL A 118 -0.66 -2.44 17.00
CA VAL A 118 -1.22 -1.55 16.00
C VAL A 118 -2.65 -1.94 15.65
N ASP A 119 -3.40 -0.93 15.16
CA ASP A 119 -4.76 -1.14 14.66
C ASP A 119 -4.76 -1.69 13.24
N ILE A 120 -3.76 -1.30 12.44
CA ILE A 120 -3.65 -1.66 11.04
C ILE A 120 -2.23 -2.16 10.81
N LEU A 121 -2.09 -3.31 10.15
CA LEU A 121 -0.77 -3.82 9.79
C LEU A 121 -0.66 -3.85 8.28
N ILE A 122 0.38 -3.21 7.75
CA ILE A 122 0.65 -3.16 6.31
C ILE A 122 1.90 -4.00 6.02
N SER A 123 1.80 -4.88 5.03
CA SER A 123 2.96 -5.65 4.60
C SER A 123 2.90 -5.83 3.09
N GLY A 124 4.02 -6.22 2.51
CA GLY A 124 4.09 -6.39 1.07
C GLY A 124 4.65 -7.74 0.64
N HIS A 125 5.63 -7.67 -0.25
CA HIS A 125 6.39 -8.79 -0.74
C HIS A 125 5.74 -9.79 -1.70
N THR A 126 4.46 -9.93 -1.62
CA THR A 126 3.80 -11.08 -2.24
C THR A 126 3.37 -10.54 -3.60
N HIS A 127 3.25 -9.22 -3.74
CA HIS A 127 2.75 -8.54 -4.93
C HIS A 127 1.27 -8.84 -5.20
N LYS A 128 0.54 -9.31 -4.18
CA LYS A 128 -0.89 -9.59 -4.30
C LYS A 128 -1.64 -8.77 -3.26
N PHE A 129 -2.56 -7.94 -3.72
CA PHE A 129 -3.31 -7.06 -2.85
C PHE A 129 -4.20 -7.84 -1.90
N GLU A 130 -4.27 -7.36 -0.66
CA GLU A 130 -5.16 -7.86 0.36
C GLU A 130 -5.66 -6.69 1.18
N ALA A 131 -6.92 -6.75 1.62
CA ALA A 131 -7.40 -5.76 2.59
C ALA A 131 -8.58 -6.39 3.31
N PHE A 132 -8.38 -6.76 4.57
CA PHE A 132 -9.39 -7.51 5.29
C PHE A 132 -9.27 -7.25 6.78
N GLU A 133 -10.39 -7.45 7.48
CA GLU A 133 -10.44 -7.38 8.92
C GLU A 133 -10.34 -8.79 9.50
N HIS A 134 -9.53 -8.94 10.53
CA HIS A 134 -9.30 -10.22 11.19
C HIS A 134 -9.18 -9.95 12.68
N GLU A 135 -10.06 -10.57 13.47
CA GLU A 135 -10.10 -10.38 14.92
C GLU A 135 -10.03 -8.91 15.32
N ASN A 136 -10.88 -8.11 14.66
CA ASN A 136 -11.11 -6.70 14.96
C ASN A 136 -9.93 -5.79 14.64
N LYS A 137 -8.97 -6.27 13.87
CA LYS A 137 -7.84 -5.49 13.39
C LYS A 137 -7.82 -5.55 11.87
N PHE A 138 -7.14 -4.61 11.23
CA PHE A 138 -7.18 -4.50 9.77
C PHE A 138 -5.81 -4.78 9.17
N TYR A 139 -5.81 -5.52 8.06
CA TYR A 139 -4.57 -5.96 7.40
C TYR A 139 -4.62 -5.52 5.95
N ILE A 140 -3.55 -4.88 5.50
CA ILE A 140 -3.45 -4.38 4.13
C ILE A 140 -2.16 -4.87 3.52
N ASN A 141 -2.25 -5.32 2.26
CA ASN A 141 -1.09 -5.52 1.41
C ASN A 141 -1.43 -4.76 0.13
N PRO A 142 -0.67 -3.74 -0.26
CA PRO A 142 -1.07 -2.93 -1.42
C PRO A 142 -0.75 -3.57 -2.76
N GLY A 143 -0.07 -4.72 -2.75
CA GLY A 143 0.40 -5.27 -4.01
C GLY A 143 1.59 -4.49 -4.53
N SER A 144 1.90 -4.69 -5.81
CA SER A 144 2.98 -3.98 -6.48
C SER A 144 2.41 -2.88 -7.36
N ALA A 145 2.81 -1.63 -7.11
CA ALA A 145 2.27 -0.51 -7.86
C ALA A 145 2.67 -0.51 -9.33
N THR A 146 3.72 -1.25 -9.69
CA THR A 146 4.16 -1.37 -11.08
C THR A 146 3.72 -2.66 -11.72
N GLY A 147 3.11 -3.58 -10.97
CA GLY A 147 2.80 -4.90 -11.48
C GLY A 147 4.04 -5.74 -11.71
N ALA A 148 5.07 -5.54 -10.89
CA ALA A 148 6.32 -6.27 -11.04
C ALA A 148 6.12 -7.78 -10.89
N TYR A 149 6.84 -8.55 -11.71
CA TYR A 149 6.74 -10.00 -11.62
C TYR A 149 7.31 -10.49 -10.30
N ASN A 150 6.95 -11.71 -9.93
CA ASN A 150 7.66 -12.37 -8.84
CA ASN A 150 7.54 -12.40 -8.79
C ASN A 150 7.82 -13.83 -9.21
N ALA A 151 8.28 -14.63 -8.25
CA ALA A 151 8.60 -16.02 -8.59
C ALA A 151 7.39 -16.95 -8.56
N LEU A 152 6.36 -16.64 -7.78
CA LEU A 152 5.30 -17.60 -7.48
C LEU A 152 3.94 -17.21 -8.05
N GLU A 153 3.86 -16.15 -8.83
CA GLU A 153 2.58 -15.71 -9.39
C GLU A 153 2.67 -15.65 -10.90
N THR A 154 1.54 -15.93 -11.55
CA THR A 154 1.50 -15.88 -13.01
C THR A 154 0.89 -14.58 -13.54
N ASN A 155 0.23 -13.81 -12.69
CA ASN A 155 -0.38 -12.56 -13.12
C ASN A 155 -0.30 -11.59 -11.95
N ILE A 156 0.37 -10.47 -12.16
CA ILE A 156 0.45 -9.41 -11.16
C ILE A 156 -0.25 -8.20 -11.74
N ILE A 157 -1.27 -7.73 -11.03
CA ILE A 157 -2.01 -6.56 -11.47
C ILE A 157 -1.40 -5.34 -10.79
N PRO A 158 -1.02 -4.28 -11.51
CA PRO A 158 -0.54 -3.06 -10.82
C PRO A 158 -1.61 -2.57 -9.86
N SER A 159 -1.21 -2.29 -8.62
CA SER A 159 -2.19 -1.91 -7.61
CA SER A 159 -2.16 -2.00 -7.55
C SER A 159 -1.53 -1.06 -6.54
N PHE A 160 -2.36 -0.21 -5.92
CA PHE A 160 -1.94 0.54 -4.75
C PHE A 160 -3.17 0.86 -3.92
N VAL A 161 -2.94 1.36 -2.70
CA VAL A 161 -4.02 1.59 -1.75
C VAL A 161 -4.02 3.05 -1.30
N LEU A 162 -5.21 3.61 -1.09
CA LEU A 162 -5.35 4.90 -0.43
C LEU A 162 -6.25 4.72 0.79
N MET A 163 -5.76 5.10 1.96
CA MET A 163 -6.59 5.09 3.17
C MET A 163 -7.11 6.50 3.43
N ASP A 164 -8.42 6.62 3.67
CA ASP A 164 -9.07 7.89 4.03
C ASP A 164 -9.47 7.77 5.50
N ILE A 165 -8.73 8.45 6.37
CA ILE A 165 -8.88 8.29 7.82
C ILE A 165 -9.70 9.46 8.36
N GLN A 166 -10.80 9.13 9.04
CA GLN A 166 -11.73 10.11 9.61
C GLN A 166 -12.13 9.64 10.99
N ALA A 167 -11.64 10.31 12.00
CA ALA A 167 -11.91 9.92 13.37
C ALA A 167 -11.55 8.47 13.60
N SER A 168 -12.51 7.65 13.99
CA SER A 168 -12.27 6.26 14.31
CA SER A 168 -12.25 6.26 14.30
C SER A 168 -12.62 5.32 13.16
N THR A 169 -12.77 5.85 11.95
CA THR A 169 -13.10 5.07 10.76
C THR A 169 -12.06 5.29 9.68
N VAL A 170 -11.71 4.23 8.97
CA VAL A 170 -10.85 4.36 7.78
C VAL A 170 -11.56 3.70 6.62
N VAL A 171 -11.60 4.38 5.48
CA VAL A 171 -12.09 3.79 4.25
C VAL A 171 -10.86 3.51 3.39
N THR A 172 -10.67 2.25 3.03
CA THR A 172 -9.52 1.83 2.24
C THR A 172 -9.97 1.65 0.80
N TYR A 173 -9.32 2.37 -0.11
CA TYR A 173 -9.55 2.24 -1.54
C TYR A 173 -8.39 1.48 -2.16
N VAL A 174 -8.68 0.46 -2.95
CA VAL A 174 -7.65 -0.20 -3.75
C VAL A 174 -7.86 0.20 -5.21
N TYR A 175 -6.78 0.58 -5.86
CA TYR A 175 -6.76 0.94 -7.26
C TYR A 175 -6.00 -0.13 -8.01
N GLN A 176 -6.61 -0.66 -9.06
CA GLN A 176 -5.94 -1.64 -9.90
C GLN A 176 -6.02 -1.22 -11.36
N LEU A 177 -4.97 -1.55 -12.10
CA LEU A 177 -4.95 -1.33 -13.54
C LEU A 177 -5.34 -2.63 -14.23
N ILE A 178 -6.55 -2.66 -14.76
CA ILE A 178 -7.11 -3.89 -15.35
C ILE A 178 -7.39 -3.59 -16.81
N GLY A 179 -6.74 -4.36 -17.69
CA GLY A 179 -6.59 -3.88 -19.05
C GLY A 179 -5.72 -2.65 -19.01
N ASP A 180 -6.24 -1.55 -19.57
CA ASP A 180 -5.60 -0.26 -19.45
C ASP A 180 -6.46 0.74 -18.68
N ASP A 181 -7.39 0.26 -17.86
CA ASP A 181 -8.32 1.13 -17.14
C ASP A 181 -8.14 0.96 -15.64
N VAL A 182 -8.26 2.08 -14.92
CA VAL A 182 -8.21 2.06 -13.46
C VAL A 182 -9.57 1.65 -12.91
N LYS A 183 -9.59 0.67 -12.02
CA LYS A 183 -10.80 0.21 -11.34
C LYS A 183 -10.51 0.14 -9.84
N VAL A 184 -11.56 0.18 -9.02
CA VAL A 184 -11.38 0.33 -7.58
C VAL A 184 -12.30 -0.61 -6.81
N GLU A 185 -11.84 -0.90 -5.65
CA GLU A 185 -12.67 -1.55 -4.63
CA GLU A 185 -12.69 -1.53 -4.61
C GLU A 185 -12.54 -0.66 -3.21
N ARG A 186 -13.57 -0.79 -2.41
CA ARG A 186 -13.67 0.05 -1.22
C ARG A 186 -14.01 -0.83 -0.02
N ILE A 187 -13.27 -0.67 1.07
CA ILE A 187 -13.46 -1.45 2.29
C ILE A 187 -13.42 -0.52 3.49
N GLU A 188 -14.42 -0.59 4.36
CA GLU A 188 -14.46 0.25 5.54
C GLU A 188 -14.05 -0.54 6.78
N TYR A 189 -13.31 0.11 7.68
CA TYR A 189 -12.92 -0.48 8.96
C TYR A 189 -13.16 0.53 10.07
N LYS A 190 -13.79 0.08 11.15
CA LYS A 190 -14.02 0.91 12.31
C LYS A 190 -13.33 0.31 13.52
N LYS A 191 -12.62 1.13 14.27
CA LYS A 191 -11.98 0.66 15.49
C LYS A 191 -13.03 0.13 16.45
N PRO A 192 -12.77 -0.96 17.16
CA PRO A 192 -13.70 -1.52 18.15
C PRO A 192 -13.73 -0.69 19.44
O10 48V B 1 -22.80 -4.00 -11.97
N01 48V B 1 -16.33 -5.95 -11.54
C02 48V B 1 -17.34 -5.92 -12.60
C03 48V B 1 -16.67 -6.03 -13.92
O04 48V B 1 -15.46 -5.88 -13.98
N05 48V B 1 -17.42 -6.28 -15.00
C06 48V B 1 -18.03 -4.57 -12.55
S07 48V B 1 -19.03 -4.49 -11.11
C08 48V B 1 -20.47 -3.67 -11.70
C09 48V B 1 -21.54 -4.63 -12.19
N DTY B 2 -21.82 -4.86 -13.56
CA DTY B 2 -22.42 -4.01 -14.59
C DTY B 2 -21.84 -2.60 -14.55
O DTY B 2 -20.63 -2.42 -14.74
CB DTY B 2 -22.21 -4.62 -15.98
CG DTY B 2 -22.93 -3.85 -17.07
CD1 DTY B 2 -24.32 -3.86 -17.14
CD2 DTY B 2 -22.23 -3.13 -18.02
CE1 DTY B 2 -24.99 -3.17 -18.13
CE2 DTY B 2 -22.89 -2.43 -19.02
CZ DTY B 2 -24.27 -2.47 -19.08
OH DTY B 2 -24.95 -1.77 -20.05
N THR B 3 -22.68 -1.62 -14.29
CA THR B 3 -22.25 -0.23 -14.37
C THR B 3 -21.83 0.37 -13.02
N THR B 4 -21.55 -0.48 -12.02
CA THR B 4 -21.22 0.03 -10.69
C THR B 4 -19.96 0.88 -10.72
N ILE B 5 -20.02 2.04 -10.07
CA ILE B 5 -18.86 2.93 -9.97
C ILE B 5 -18.78 3.47 -8.55
N TYR B 6 -17.56 3.86 -8.16
CA TYR B 6 -17.31 4.40 -6.82
C TYR B 6 -16.68 5.78 -6.92
N TRP B 7 -17.12 6.67 -6.05
CA TRP B 7 -16.38 7.89 -5.81
C TRP B 7 -15.17 7.57 -4.94
N THR B 8 -14.04 8.19 -5.24
CA THR B 8 -12.87 8.11 -4.36
C THR B 8 -12.23 9.48 -4.31
N PRO B 9 -11.34 9.71 -3.32
CA PRO B 9 -10.66 11.01 -3.26
C PRO B 9 -9.80 11.33 -4.47
N LEU B 10 -9.43 10.34 -5.28
CA LEU B 10 -8.59 10.55 -6.44
C LEU B 10 -9.36 10.54 -7.74
N GLY B 11 -10.68 10.36 -7.68
CA GLY B 11 -11.49 10.30 -8.87
C GLY B 11 -12.55 9.22 -8.79
N THR B 12 -13.40 9.14 -9.81
CA THR B 12 -14.48 8.18 -9.87
CA THR B 12 -14.48 8.19 -9.87
C THR B 12 -14.13 7.08 -10.86
N PHE B 13 -14.32 5.83 -10.46
CA PHE B 13 -13.86 4.68 -11.22
C PHE B 13 -14.84 3.52 -11.14
N PRO B 14 -14.90 2.68 -12.19
CA PRO B 14 -15.66 1.43 -12.11
C PRO B 14 -15.13 0.49 -11.04
N ARG B 15 -16.02 -0.38 -10.55
CA ARG B 15 -15.65 -1.38 -9.55
C ARG B 15 -14.90 -2.56 -10.17
N ILE B 16 -13.81 -2.98 -9.50
CA ILE B 16 -12.93 -4.02 -10.04
C ILE B 16 -13.70 -5.27 -10.43
N ARG B 17 -14.51 -5.79 -9.52
CA ARG B 17 -15.09 -7.12 -9.72
C ARG B 17 -16.19 -7.16 -10.79
C1 GOL C . -4.22 -1.80 18.75
O1 GOL C . -4.63 -3.03 19.31
C2 GOL C . -4.35 -0.68 19.77
O2 GOL C . -4.07 -1.20 21.05
C3 GOL C . -3.32 0.40 19.45
O3 GOL C . -3.53 1.49 20.32
C1 GOL D . 21.73 4.08 -1.35
O1 GOL D . 21.27 4.81 -0.22
C2 GOL D . 21.19 4.67 -2.65
O2 GOL D . 22.15 4.48 -3.67
C3 GOL D . 19.90 3.97 -3.09
O3 GOL D . 19.66 4.19 -4.47
C FMT E . 7.88 6.62 -11.54
O1 FMT E . 7.32 6.05 -12.46
O2 FMT E . 8.94 6.23 -11.04
#